data_1G8Z
#
_entry.id   1G8Z
#
_cell.length_a   101.362
_cell.length_b   114.722
_cell.length_c   45.591
_cell.angle_alpha   90.00
_cell.angle_beta   90.00
_cell.angle_gamma   90.00
#
_symmetry.space_group_name_H-M   'P 21 21 2'
#
loop_
_entity.id
_entity.type
_entity.pdbx_description
1 polymer 'CHOLERA TOXIN B PROTEIN'
2 non-polymer beta-D-galactopyranose
3 water water
#
_entity_poly.entity_id   1
_entity_poly.type   'polypeptide(L)'
_entity_poly.pdbx_seq_one_letter_code
;TPQNITDLCAEYHNTQIHTLNDKIFSYTESLAGKREMAIITFKNGATFQVEVPGSQAIDSQKKAIERMKDTLRIAYLTEA
KVEKLCVWNNKTPHAIAAISMAN
;
_entity_poly.pdbx_strand_id   D,E,F,G,H
#
loop_
_chem_comp.id
_chem_comp.type
_chem_comp.name
_chem_comp.formula
GAL D-saccharide, beta linking beta-D-galactopyranose 'C6 H12 O6'
#
# COMPACT_ATOMS: atom_id res chain seq x y z
N THR A 1 -20.42 -20.74 5.72
CA THR A 1 -19.79 -19.50 5.15
C THR A 1 -20.43 -19.04 3.86
N PRO A 2 -20.78 -17.76 3.75
CA PRO A 2 -21.41 -17.26 2.53
C PRO A 2 -20.43 -17.36 1.37
N GLN A 3 -20.94 -17.51 0.17
CA GLN A 3 -20.16 -17.66 -1.05
C GLN A 3 -20.36 -16.49 -2.03
N ASN A 4 -21.16 -15.51 -1.64
CA ASN A 4 -21.38 -14.32 -2.44
C ASN A 4 -21.83 -13.22 -1.51
N ILE A 5 -21.83 -11.95 -1.93
CA ILE A 5 -22.19 -10.87 -1.02
C ILE A 5 -23.64 -10.82 -0.63
N THR A 6 -24.55 -11.30 -1.49
CA THR A 6 -25.97 -11.28 -1.18
C THR A 6 -26.31 -12.14 0.02
N ASP A 7 -25.79 -13.35 0.02
CA ASP A 7 -26.00 -14.31 1.10
C ASP A 7 -25.27 -13.84 2.33
N LEU A 8 -24.06 -13.24 2.15
CA LEU A 8 -23.36 -12.74 3.34
C LEU A 8 -24.20 -11.65 3.99
N CYS A 9 -24.70 -10.73 3.17
CA CYS A 9 -25.49 -9.59 3.62
C CYS A 9 -26.74 -10.04 4.36
N ALA A 10 -27.32 -11.14 3.91
CA ALA A 10 -28.55 -11.66 4.53
C ALA A 10 -28.32 -12.28 5.89
N GLU A 11 -27.08 -12.48 6.35
CA GLU A 11 -26.90 -13.04 7.69
C GLU A 11 -27.06 -11.97 8.77
N TYR A 12 -27.13 -10.69 8.40
CA TYR A 12 -27.20 -9.60 9.32
C TYR A 12 -28.57 -8.93 9.34
N HIS A 13 -28.88 -8.33 10.50
CA HIS A 13 -30.09 -7.55 10.62
C HIS A 13 -29.79 -6.15 10.08
N ASN A 14 -30.82 -5.46 9.62
CA ASN A 14 -30.76 -4.07 9.19
C ASN A 14 -29.80 -3.81 8.03
N THR A 15 -29.64 -4.77 7.13
CA THR A 15 -28.80 -4.59 5.97
C THR A 15 -29.59 -4.76 4.68
N GLN A 16 -28.94 -4.29 3.60
CA GLN A 16 -29.57 -4.43 2.30
C GLN A 16 -28.51 -4.35 1.20
N ILE A 17 -28.87 -4.95 0.07
CA ILE A 17 -27.97 -4.91 -1.07
C ILE A 17 -28.35 -3.74 -1.98
N HIS A 18 -27.30 -3.05 -2.43
CA HIS A 18 -27.50 -2.06 -3.50
C HIS A 18 -26.70 -2.63 -4.65
N THR A 19 -27.22 -2.63 -5.87
CA THR A 19 -26.53 -3.06 -7.08
C THR A 19 -26.28 -1.80 -7.93
N LEU A 20 -25.03 -1.36 -7.93
CA LEU A 20 -24.61 -0.17 -8.63
C LEU A 20 -24.12 -0.42 -10.05
N ASN A 21 -23.31 -1.46 -10.25
CA ASN A 21 -22.66 -1.71 -11.52
C ASN A 21 -22.18 -0.40 -12.12
N ASP A 22 -21.37 0.37 -11.36
CA ASP A 22 -20.88 1.63 -11.88
C ASP A 22 -19.61 2.03 -11.13
N LYS A 23 -18.81 2.94 -11.69
CA LYS A 23 -17.65 3.41 -10.93
C LYS A 23 -18.09 4.41 -9.86
N ILE A 24 -17.22 4.64 -8.87
CA ILE A 24 -17.52 5.62 -7.83
C ILE A 24 -17.40 7.01 -8.45
N PHE A 25 -18.32 7.89 -8.07
CA PHE A 25 -18.37 9.26 -8.60
C PHE A 25 -17.57 10.22 -7.74
N SER A 26 -17.59 10.07 -6.42
CA SER A 26 -16.77 10.91 -5.55
C SER A 26 -16.26 10.07 -4.38
N TYR A 27 -15.13 10.46 -3.84
CA TYR A 27 -14.48 9.84 -2.69
C TYR A 27 -14.08 10.96 -1.73
N THR A 28 -14.46 10.83 -0.48
CA THR A 28 -14.20 11.79 0.58
C THR A 28 -13.56 11.10 1.75
N GLU A 29 -12.54 11.69 2.34
CA GLU A 29 -11.96 11.11 3.54
C GLU A 29 -11.62 12.19 4.55
N SER A 30 -11.75 11.86 5.82
CA SER A 30 -11.41 12.78 6.90
C SER A 30 -10.49 12.19 7.96
N LEU A 31 -9.62 13.04 8.50
CA LEU A 31 -8.76 12.64 9.61
C LEU A 31 -9.21 13.37 10.87
N ALA A 32 -10.27 14.17 10.78
CA ALA A 32 -10.76 14.95 11.89
C ALA A 32 -11.22 14.08 13.06
N GLY A 33 -10.85 14.53 14.25
CA GLY A 33 -11.07 13.87 15.53
C GLY A 33 -12.48 13.34 15.69
N LYS A 34 -12.65 12.03 15.87
CA LYS A 34 -13.93 11.35 16.04
C LYS A 34 -14.70 11.13 14.73
N ARG A 35 -14.20 11.71 13.65
CA ARG A 35 -14.81 11.54 12.33
C ARG A 35 -13.80 10.98 11.34
N GLU A 36 -13.03 9.98 11.73
CA GLU A 36 -12.01 9.41 10.84
C GLU A 36 -12.77 8.43 9.92
N MET A 37 -13.43 8.96 8.93
CA MET A 37 -14.38 8.23 8.10
C MET A 37 -14.15 8.50 6.62
N ALA A 38 -14.85 7.70 5.82
CA ALA A 38 -14.75 7.93 4.37
C ALA A 38 -16.20 8.00 3.87
N ILE A 39 -16.48 8.71 2.82
CA ILE A 39 -17.82 8.81 2.26
C ILE A 39 -17.64 8.66 0.74
N ILE A 40 -18.43 7.80 0.11
CA ILE A 40 -18.41 7.71 -1.34
C ILE A 40 -19.79 8.03 -1.91
N THR A 41 -19.84 8.49 -3.16
CA THR A 41 -21.13 8.78 -3.81
C THR A 41 -21.11 8.16 -5.19
N PHE A 42 -22.30 7.92 -5.74
CA PHE A 42 -22.44 7.37 -7.06
C PHE A 42 -23.18 8.44 -7.88
N LYS A 43 -23.05 8.35 -9.20
CA LYS A 43 -23.70 9.39 -10.02
C LYS A 43 -25.21 9.36 -9.94
N ASN A 44 -25.85 8.26 -9.55
CA ASN A 44 -27.27 8.11 -9.36
C ASN A 44 -27.74 8.79 -8.07
N GLY A 45 -26.86 9.40 -7.29
CA GLY A 45 -27.20 10.12 -6.08
C GLY A 45 -26.99 9.39 -4.77
N ALA A 46 -26.72 8.09 -4.82
CA ALA A 46 -26.54 7.31 -3.60
C ALA A 46 -25.24 7.72 -2.89
N THR A 47 -25.34 7.81 -1.57
CA THR A 47 -24.23 8.21 -0.70
C THR A 47 -23.99 7.15 0.35
N PHE A 48 -22.78 6.70 0.61
CA PHE A 48 -22.49 5.66 1.57
C PHE A 48 -21.28 6.04 2.42
N GLN A 49 -21.24 5.57 3.66
CA GLN A 49 -20.07 5.87 4.49
C GLN A 49 -19.39 4.59 4.92
N VAL A 50 -18.11 4.74 5.26
CA VAL A 50 -17.36 3.69 5.95
C VAL A 50 -17.31 4.28 7.38
N GLU A 51 -18.08 3.65 8.24
CA GLU A 51 -18.26 4.13 9.59
C GLU A 51 -16.97 4.19 10.41
N VAL A 52 -16.88 5.21 11.26
CA VAL A 52 -15.74 5.31 12.17
C VAL A 52 -15.84 4.11 13.10
N PRO A 53 -14.77 3.42 13.44
CA PRO A 53 -14.82 2.37 14.43
C PRO A 53 -15.05 3.04 15.80
N GLY A 54 -15.54 2.32 16.78
CA GLY A 54 -15.75 2.88 18.12
C GLY A 54 -14.56 2.56 19.02
N SER A 55 -14.57 2.99 20.28
CA SER A 55 -13.49 2.75 21.22
C SER A 55 -13.35 1.32 21.72
N GLN A 56 -14.25 0.43 21.34
CA GLN A 56 -14.20 -0.97 21.74
C GLN A 56 -13.88 -1.87 20.55
N ALA A 57 -13.84 -1.29 19.36
CA ALA A 57 -13.57 -2.05 18.15
C ALA A 57 -12.28 -2.86 18.32
N ILE A 58 -12.38 -4.16 18.06
CA ILE A 58 -11.18 -4.99 18.23
C ILE A 58 -10.29 -4.80 17.02
N ASP A 59 -9.07 -5.32 17.08
CA ASP A 59 -8.11 -5.11 16.00
C ASP A 59 -8.51 -5.68 14.65
N SER A 60 -9.10 -6.84 14.56
CA SER A 60 -9.55 -7.42 13.30
C SER A 60 -10.63 -6.54 12.66
N GLN A 61 -11.45 -5.84 13.42
CA GLN A 61 -12.45 -4.95 12.82
C GLN A 61 -11.78 -3.71 12.25
N LYS A 62 -10.91 -3.12 13.09
CA LYS A 62 -10.17 -1.92 12.72
C LYS A 62 -9.40 -2.15 11.42
N LYS A 63 -8.70 -3.28 11.33
CA LYS A 63 -7.97 -3.60 10.11
C LYS A 63 -8.93 -3.76 8.94
N ALA A 64 -10.11 -4.33 9.12
CA ALA A 64 -11.02 -4.49 7.99
C ALA A 64 -11.55 -3.13 7.56
N ILE A 65 -11.80 -2.22 8.49
CA ILE A 65 -12.31 -0.89 8.18
C ILE A 65 -11.27 -0.16 7.35
N GLU A 66 -10.00 -0.26 7.78
CA GLU A 66 -8.94 0.43 7.05
C GLU A 66 -8.79 -0.20 5.64
N ARG A 67 -8.91 -1.52 5.56
CA ARG A 67 -8.82 -2.19 4.27
C ARG A 67 -9.93 -1.68 3.33
N MET A 68 -11.16 -1.60 3.82
CA MET A 68 -12.25 -1.12 2.97
C MET A 68 -12.01 0.30 2.48
N LYS A 69 -11.52 1.23 3.29
CA LYS A 69 -11.18 2.58 2.82
C LYS A 69 -10.10 2.49 1.73
N ASP A 70 -9.11 1.64 1.89
CA ASP A 70 -8.10 1.43 0.88
C ASP A 70 -8.74 0.96 -0.43
N THR A 71 -9.64 -0.03 -0.33
CA THR A 71 -10.32 -0.54 -1.51
C THR A 71 -11.14 0.50 -2.24
N LEU A 72 -11.86 1.34 -1.48
CA LEU A 72 -12.72 2.37 -2.06
C LEU A 72 -11.87 3.45 -2.75
N ARG A 73 -10.79 3.83 -2.09
CA ARG A 73 -9.86 4.80 -2.69
C ARG A 73 -9.28 4.31 -4.01
N ILE A 74 -8.76 3.10 -4.09
CA ILE A 74 -8.16 2.54 -5.30
C ILE A 74 -9.22 2.31 -6.35
N ALA A 75 -10.39 1.85 -5.98
CA ALA A 75 -11.46 1.69 -6.99
C ALA A 75 -11.80 3.05 -7.60
N TYR A 76 -12.00 4.05 -6.77
CA TYR A 76 -12.30 5.41 -7.19
C TYR A 76 -11.23 5.88 -8.17
N LEU A 77 -9.95 5.77 -7.74
CA LEU A 77 -8.90 6.29 -8.62
C LEU A 77 -8.77 5.55 -9.92
N THR A 78 -9.08 4.27 -9.99
CA THR A 78 -8.88 3.50 -11.20
C THR A 78 -10.15 3.35 -12.03
N GLU A 79 -11.23 3.97 -11.56
CA GLU A 79 -12.55 3.85 -12.13
C GLU A 79 -13.03 2.41 -12.16
N ALA A 80 -12.69 1.58 -11.16
CA ALA A 80 -13.13 0.20 -11.14
C ALA A 80 -14.64 0.14 -10.87
N LYS A 81 -15.36 -0.65 -11.64
CA LYS A 81 -16.77 -0.85 -11.43
C LYS A 81 -17.14 -1.56 -10.13
N VAL A 82 -18.03 -0.92 -9.39
CA VAL A 82 -18.57 -1.53 -8.19
C VAL A 82 -19.80 -2.31 -8.61
N GLU A 83 -19.84 -3.59 -8.31
CA GLU A 83 -21.02 -4.41 -8.61
C GLU A 83 -22.07 -4.14 -7.54
N LYS A 84 -21.85 -4.68 -6.33
CA LYS A 84 -22.82 -4.48 -5.26
C LYS A 84 -22.21 -3.95 -3.98
N LEU A 85 -23.04 -3.32 -3.13
CA LEU A 85 -22.64 -2.94 -1.80
C LEU A 85 -23.62 -3.60 -0.82
N CYS A 86 -23.15 -4.13 0.29
CA CYS A 86 -24.03 -4.61 1.34
C CYS A 86 -23.95 -3.48 2.37
N VAL A 87 -25.07 -2.87 2.76
CA VAL A 87 -25.00 -1.77 3.69
C VAL A 87 -25.95 -1.86 4.87
N TRP A 88 -25.65 -1.20 5.99
CA TRP A 88 -26.58 -1.16 7.12
C TRP A 88 -27.47 0.06 6.85
N ASN A 89 -28.77 -0.14 6.84
CA ASN A 89 -29.69 0.95 6.54
C ASN A 89 -30.25 1.59 7.82
N ASN A 90 -29.66 1.30 8.96
CA ASN A 90 -30.05 1.94 10.22
C ASN A 90 -29.02 3.02 10.59
N LYS A 91 -28.25 3.49 9.61
CA LYS A 91 -27.29 4.56 9.75
C LYS A 91 -27.50 5.48 8.54
N THR A 92 -27.09 6.73 8.65
CA THR A 92 -27.19 7.70 7.57
C THR A 92 -25.93 8.56 7.52
N PRO A 93 -25.23 8.52 6.40
CA PRO A 93 -25.57 7.73 5.22
C PRO A 93 -25.46 6.23 5.51
N HIS A 94 -26.10 5.40 4.69
CA HIS A 94 -26.00 3.96 4.89
C HIS A 94 -24.52 3.60 4.98
N ALA A 95 -24.18 2.72 5.91
CA ALA A 95 -22.85 2.27 6.25
C ALA A 95 -22.45 0.98 5.56
N ILE A 96 -21.31 0.98 4.89
CA ILE A 96 -20.84 -0.17 4.14
C ILE A 96 -20.38 -1.30 5.06
N ALA A 97 -20.95 -2.48 4.84
CA ALA A 97 -20.55 -3.73 5.48
C ALA A 97 -19.67 -4.57 4.55
N ALA A 98 -19.96 -4.54 3.27
CA ALA A 98 -19.27 -5.33 2.27
C ALA A 98 -19.35 -4.73 0.86
N ILE A 99 -18.42 -5.14 0.03
CA ILE A 99 -18.37 -4.69 -1.37
C ILE A 99 -18.03 -5.84 -2.31
N SER A 100 -18.60 -5.83 -3.51
CA SER A 100 -18.24 -6.79 -4.54
C SER A 100 -17.96 -5.97 -5.80
N MET A 101 -16.97 -6.44 -6.54
CA MET A 101 -16.52 -5.78 -7.75
C MET A 101 -16.46 -6.92 -8.79
N ALA A 102 -17.04 -6.61 -9.92
CA ALA A 102 -17.12 -7.44 -11.09
C ALA A 102 -17.32 -6.47 -12.25
N ASN A 103 -16.78 -6.95 -13.35
CA ASN A 103 -16.87 -6.29 -14.64
C ASN A 103 -18.32 -6.42 -15.10
N THR B 1 12.84 -26.99 0.80
CA THR B 1 11.92 -25.85 0.49
C THR B 1 11.34 -26.03 -0.89
N PRO B 2 10.02 -26.07 -1.02
CA PRO B 2 9.37 -26.24 -2.32
C PRO B 2 9.78 -25.16 -3.29
N GLN B 3 9.87 -25.44 -4.59
CA GLN B 3 10.26 -24.42 -5.56
C GLN B 3 9.10 -23.95 -6.43
N ASN B 4 7.91 -24.51 -6.20
CA ASN B 4 6.74 -24.14 -6.97
C ASN B 4 5.51 -24.47 -6.14
N ILE B 5 4.36 -23.94 -6.55
CA ILE B 5 3.12 -24.08 -5.81
C ILE B 5 2.59 -25.51 -5.77
N THR B 6 2.83 -26.30 -6.81
CA THR B 6 2.36 -27.68 -6.78
C THR B 6 3.08 -28.46 -5.70
N ASP B 7 4.40 -28.33 -5.57
CA ASP B 7 5.17 -29.08 -4.60
C ASP B 7 4.91 -28.53 -3.20
N LEU B 8 4.68 -27.24 -3.09
CA LEU B 8 4.32 -26.63 -1.82
C LEU B 8 3.00 -27.21 -1.33
N CYS B 9 1.99 -27.27 -2.21
CA CYS B 9 0.66 -27.73 -1.82
C CYS B 9 0.69 -29.18 -1.32
N ALA B 10 1.51 -30.03 -1.92
CA ALA B 10 1.65 -31.43 -1.56
C ALA B 10 2.29 -31.67 -0.21
N GLU B 11 2.85 -30.67 0.45
CA GLU B 11 3.45 -30.77 1.77
C GLU B 11 2.39 -30.69 2.86
N TYR B 12 1.15 -30.32 2.51
CA TYR B 12 0.09 -30.17 3.51
C TYR B 12 -1.02 -31.18 3.30
N HIS B 13 -1.70 -31.56 4.37
CA HIS B 13 -2.85 -32.44 4.25
C HIS B 13 -4.08 -31.57 3.95
N ASN B 14 -5.11 -32.19 3.43
CA ASN B 14 -6.38 -31.61 3.12
C ASN B 14 -6.20 -30.41 2.19
N THR B 15 -5.36 -30.50 1.17
CA THR B 15 -5.21 -29.46 0.18
C THR B 15 -5.48 -30.02 -1.22
N GLN B 16 -5.80 -29.10 -2.11
CA GLN B 16 -6.10 -29.39 -3.51
C GLN B 16 -5.36 -28.38 -4.38
N ILE B 17 -4.63 -28.83 -5.40
CA ILE B 17 -4.06 -27.85 -6.33
C ILE B 17 -5.15 -27.60 -7.38
N HIS B 18 -5.42 -26.33 -7.66
CA HIS B 18 -6.55 -26.01 -8.54
C HIS B 18 -6.05 -25.13 -9.68
N THR B 19 -6.11 -25.60 -10.91
CA THR B 19 -5.62 -24.84 -12.05
C THR B 19 -6.72 -23.97 -12.64
N LEU B 20 -6.35 -22.72 -12.89
CA LEU B 20 -7.27 -21.75 -13.44
C LEU B 20 -6.77 -21.20 -14.78
N ASN B 21 -5.59 -20.58 -14.82
CA ASN B 21 -5.11 -19.90 -16.01
C ASN B 21 -6.15 -18.87 -16.46
N ASP B 22 -6.63 -18.05 -15.52
CA ASP B 22 -7.69 -17.10 -15.77
C ASP B 22 -7.62 -15.94 -14.76
N LYS B 23 -8.18 -14.79 -15.18
CA LYS B 23 -8.24 -13.64 -14.27
C LYS B 23 -9.37 -13.89 -13.28
N ILE B 24 -9.33 -13.16 -12.18
CA ILE B 24 -10.40 -13.21 -11.20
C ILE B 24 -11.65 -12.56 -11.81
N PHE B 25 -12.78 -13.24 -11.69
CA PHE B 25 -14.02 -12.70 -12.22
C PHE B 25 -14.63 -11.65 -11.30
N SER B 26 -14.64 -11.92 -10.00
CA SER B 26 -15.18 -11.01 -9.02
C SER B 26 -14.40 -11.10 -7.71
N TYR B 27 -14.30 -9.95 -7.08
CA TYR B 27 -13.65 -9.75 -5.78
C TYR B 27 -14.66 -9.15 -4.82
N THR B 28 -14.88 -9.80 -3.68
CA THR B 28 -15.80 -9.43 -2.64
C THR B 28 -15.04 -9.32 -1.32
N GLU B 29 -15.31 -8.23 -0.60
CA GLU B 29 -14.65 -8.00 0.68
C GLU B 29 -15.69 -7.54 1.68
N SER B 30 -15.54 -8.03 2.90
CA SER B 30 -16.44 -7.70 4.00
C SER B 30 -15.75 -7.25 5.28
N LEU B 31 -16.33 -6.28 5.97
CA LEU B 31 -15.80 -5.75 7.23
C LEU B 31 -16.72 -6.12 8.41
N ALA B 32 -17.79 -6.84 8.13
CA ALA B 32 -18.82 -7.25 9.05
C ALA B 32 -18.44 -8.35 10.04
N GLY B 33 -18.92 -8.17 11.26
CA GLY B 33 -18.65 -8.95 12.43
C GLY B 33 -18.23 -10.38 12.29
N LYS B 34 -16.95 -10.73 12.37
CA LYS B 34 -16.51 -12.14 12.21
C LYS B 34 -16.68 -12.64 10.78
N ARG B 35 -16.75 -11.73 9.83
CA ARG B 35 -16.86 -12.01 8.42
C ARG B 35 -15.84 -11.11 7.77
N GLU B 36 -14.71 -10.84 8.44
CA GLU B 36 -13.78 -9.94 7.75
C GLU B 36 -13.03 -10.71 6.65
N MET B 37 -13.76 -11.28 5.70
CA MET B 37 -13.28 -12.10 4.65
C MET B 37 -13.22 -11.42 3.30
N ALA B 38 -12.52 -12.18 2.44
CA ALA B 38 -12.40 -11.86 1.05
C ALA B 38 -12.90 -13.16 0.37
N ILE B 39 -13.63 -12.97 -0.70
CA ILE B 39 -14.08 -14.07 -1.53
C ILE B 39 -13.71 -13.77 -2.97
N ILE B 40 -13.12 -14.70 -3.72
CA ILE B 40 -12.87 -14.48 -5.11
C ILE B 40 -13.61 -15.56 -5.93
N THR B 41 -14.11 -15.17 -7.10
CA THR B 41 -14.81 -16.11 -7.95
C THR B 41 -14.18 -15.98 -9.34
N PHE B 42 -14.32 -17.04 -10.09
CA PHE B 42 -13.80 -17.22 -11.42
C PHE B 42 -14.96 -17.56 -12.36
N LYS B 43 -14.77 -17.25 -13.62
CA LYS B 43 -15.70 -17.40 -14.70
C LYS B 43 -16.29 -18.80 -14.81
N ASN B 44 -15.47 -19.85 -14.62
CA ASN B 44 -15.99 -21.19 -14.72
C ASN B 44 -16.66 -21.69 -13.46
N GLY B 45 -16.94 -20.82 -12.50
CA GLY B 45 -17.73 -21.16 -11.33
C GLY B 45 -16.99 -21.34 -10.02
N ALA B 46 -15.67 -21.53 -10.03
CA ALA B 46 -14.98 -21.75 -8.76
C ALA B 46 -15.06 -20.54 -7.83
N THR B 47 -15.22 -20.80 -6.55
CA THR B 47 -15.36 -19.80 -5.49
C THR B 47 -14.41 -20.11 -4.33
N PHE B 48 -13.56 -19.16 -3.95
CA PHE B 48 -12.58 -19.38 -2.90
C PHE B 48 -12.60 -18.25 -1.88
N GLN B 49 -12.16 -18.56 -0.67
CA GLN B 49 -12.07 -17.55 0.37
C GLN B 49 -10.68 -17.40 0.97
N VAL B 50 -10.46 -16.24 1.63
CA VAL B 50 -9.28 -16.09 2.46
C VAL B 50 -9.89 -16.14 3.86
N GLU B 51 -9.61 -17.21 4.57
CA GLU B 51 -10.26 -17.38 5.87
C GLU B 51 -9.83 -16.32 6.87
N VAL B 52 -10.79 -15.87 7.66
CA VAL B 52 -10.53 -14.91 8.73
C VAL B 52 -9.62 -15.52 9.77
N PRO B 53 -8.50 -14.93 10.17
CA PRO B 53 -7.68 -15.46 11.24
C PRO B 53 -8.37 -15.45 12.60
N GLY B 54 -8.16 -16.49 13.40
CA GLY B 54 -8.81 -16.58 14.70
C GLY B 54 -7.99 -15.91 15.81
N SER B 55 -8.41 -16.07 17.06
CA SER B 55 -7.79 -15.45 18.21
C SER B 55 -6.49 -16.01 18.71
N GLN B 56 -5.88 -17.01 18.10
CA GLN B 56 -4.57 -17.52 18.47
C GLN B 56 -3.59 -17.26 17.31
N ALA B 57 -4.09 -16.70 16.21
CA ALA B 57 -3.16 -16.52 15.09
C ALA B 57 -1.90 -15.75 15.50
N ILE B 58 -0.75 -16.24 15.09
CA ILE B 58 0.49 -15.52 15.36
C ILE B 58 0.68 -14.43 14.31
N ASP B 59 1.55 -13.50 14.65
CA ASP B 59 1.87 -12.35 13.83
C ASP B 59 2.25 -12.72 12.40
N SER B 60 3.09 -13.70 12.16
CA SER B 60 3.51 -14.09 10.82
C SER B 60 2.31 -14.56 10.00
N GLN B 61 1.44 -15.37 10.59
CA GLN B 61 0.20 -15.79 9.95
C GLN B 61 -0.73 -14.61 9.68
N LYS B 62 -0.95 -13.67 10.59
CA LYS B 62 -1.84 -12.55 10.34
C LYS B 62 -1.35 -11.65 9.20
N LYS B 63 -0.05 -11.39 9.22
CA LYS B 63 0.59 -10.59 8.20
C LYS B 63 0.45 -11.28 6.85
N ALA B 64 0.67 -12.60 6.77
CA ALA B 64 0.54 -13.30 5.50
C ALA B 64 -0.90 -13.28 4.96
N ILE B 65 -1.90 -13.39 5.81
CA ILE B 65 -3.30 -13.34 5.40
C ILE B 65 -3.64 -11.97 4.79
N GLU B 66 -3.19 -10.92 5.43
CA GLU B 66 -3.38 -9.53 5.03
C GLU B 66 -2.73 -9.32 3.65
N ARG B 67 -1.52 -9.85 3.49
CA ARG B 67 -0.82 -9.82 2.25
C ARG B 67 -1.62 -10.51 1.16
N MET B 68 -2.12 -11.71 1.41
CA MET B 68 -2.89 -12.42 0.35
C MET B 68 -4.08 -11.62 -0.09
N LYS B 69 -4.84 -10.99 0.82
CA LYS B 69 -6.00 -10.20 0.46
C LYS B 69 -5.59 -8.98 -0.34
N ASP B 70 -4.42 -8.42 0.00
CA ASP B 70 -3.92 -7.33 -0.85
C ASP B 70 -3.65 -7.86 -2.25
N THR B 71 -2.98 -9.00 -2.35
CA THR B 71 -2.59 -9.61 -3.61
C THR B 71 -3.81 -9.92 -4.49
N LEU B 72 -4.86 -10.46 -3.90
CA LEU B 72 -6.07 -10.77 -4.64
C LEU B 72 -6.74 -9.51 -5.14
N ARG B 73 -6.80 -8.45 -4.33
CA ARG B 73 -7.44 -7.22 -4.77
C ARG B 73 -6.68 -6.60 -5.92
N ILE B 74 -5.34 -6.54 -5.83
CA ILE B 74 -4.57 -5.95 -6.94
C ILE B 74 -4.58 -6.84 -8.17
N ALA B 75 -4.57 -8.16 -8.01
CA ALA B 75 -4.62 -9.08 -9.15
C ALA B 75 -5.97 -8.87 -9.87
N TYR B 76 -7.05 -8.85 -9.07
CA TYR B 76 -8.37 -8.56 -9.59
C TYR B 76 -8.40 -7.28 -10.40
N LEU B 77 -7.97 -6.17 -9.81
CA LEU B 77 -7.99 -4.87 -10.42
C LEU B 77 -7.14 -4.73 -11.68
N THR B 78 -6.08 -5.49 -11.79
CA THR B 78 -5.20 -5.43 -12.93
C THR B 78 -5.49 -6.51 -13.95
N GLU B 79 -6.48 -7.34 -13.76
CA GLU B 79 -6.85 -8.46 -14.58
C GLU B 79 -5.67 -9.42 -14.77
N ALA B 80 -4.87 -9.62 -13.73
CA ALA B 80 -3.72 -10.53 -13.79
C ALA B 80 -4.24 -11.96 -13.82
N LYS B 81 -3.61 -12.72 -14.69
CA LYS B 81 -4.01 -14.12 -14.83
C LYS B 81 -3.48 -14.94 -13.66
N VAL B 82 -4.41 -15.66 -13.06
CA VAL B 82 -4.10 -16.58 -11.96
C VAL B 82 -3.81 -17.95 -12.56
N GLU B 83 -2.64 -18.50 -12.31
CA GLU B 83 -2.23 -19.78 -12.85
C GLU B 83 -2.88 -20.89 -12.06
N LYS B 84 -2.49 -20.99 -10.79
CA LYS B 84 -3.02 -22.01 -9.91
C LYS B 84 -3.28 -21.41 -8.52
N LEU B 85 -4.12 -22.13 -7.81
CA LEU B 85 -4.31 -21.87 -6.39
C LEU B 85 -4.06 -23.20 -5.65
N CYS B 86 -3.56 -23.13 -4.44
CA CYS B 86 -3.44 -24.22 -3.50
C CYS B 86 -4.49 -23.90 -2.43
N VAL B 87 -5.48 -24.76 -2.23
CA VAL B 87 -6.58 -24.45 -1.31
C VAL B 87 -6.82 -25.55 -0.30
N TRP B 88 -7.30 -25.20 0.90
CA TRP B 88 -7.67 -26.19 1.89
C TRP B 88 -9.09 -26.65 1.53
N ASN B 89 -9.29 -27.98 1.42
CA ASN B 89 -10.58 -28.48 0.97
C ASN B 89 -11.45 -29.08 2.06
N ASN B 90 -11.19 -28.83 3.34
CA ASN B 90 -12.06 -29.34 4.37
C ASN B 90 -12.93 -28.20 4.91
N LYS B 91 -12.98 -27.09 4.20
CA LYS B 91 -13.83 -25.94 4.52
C LYS B 91 -14.55 -25.54 3.22
N THR B 92 -15.66 -24.83 3.31
CA THR B 92 -16.44 -24.37 2.18
C THR B 92 -16.79 -22.90 2.34
N PRO B 93 -16.49 -22.05 1.36
CA PRO B 93 -15.76 -22.41 0.16
C PRO B 93 -14.34 -22.82 0.51
N HIS B 94 -13.55 -23.41 -0.37
CA HIS B 94 -12.18 -23.79 -0.07
C HIS B 94 -11.32 -22.57 0.22
N ALA B 95 -10.40 -22.71 1.16
CA ALA B 95 -9.62 -21.58 1.67
C ALA B 95 -8.26 -21.51 1.02
N ILE B 96 -7.90 -20.36 0.49
CA ILE B 96 -6.62 -20.17 -0.18
C ILE B 96 -5.45 -20.26 0.78
N ALA B 97 -4.46 -21.03 0.35
CA ALA B 97 -3.20 -21.24 1.02
C ALA B 97 -2.07 -20.66 0.17
N ALA B 98 -2.22 -20.75 -1.16
CA ALA B 98 -1.15 -20.20 -1.99
C ALA B 98 -1.75 -19.80 -3.34
N ILE B 99 -1.01 -18.93 -4.01
CA ILE B 99 -1.43 -18.48 -5.34
C ILE B 99 -0.23 -18.38 -6.27
N SER B 100 -0.39 -18.78 -7.53
CA SER B 100 0.70 -18.58 -8.50
C SER B 100 0.10 -17.73 -9.62
N MET B 101 0.88 -16.80 -10.14
CA MET B 101 0.48 -15.94 -11.23
C MET B 101 1.52 -16.05 -12.34
N ALA B 102 1.00 -16.21 -13.56
CA ALA B 102 1.83 -16.29 -14.73
C ALA B 102 0.94 -16.04 -15.96
N ASN B 103 1.55 -15.57 -17.01
CA ASN B 103 0.99 -15.30 -18.32
C ASN B 103 0.16 -14.02 -18.33
N THR C 1 29.15 2.73 3.51
CA THR C 1 27.83 2.37 2.90
C THR C 1 28.01 2.12 1.42
N PRO C 2 27.60 1.00 0.90
CA PRO C 2 27.72 0.74 -0.54
C PRO C 2 26.79 1.69 -1.27
N GLN C 3 27.11 1.99 -2.53
CA GLN C 3 26.35 2.91 -3.36
C GLN C 3 25.75 2.19 -4.55
N ASN C 4 25.94 0.87 -4.58
CA ASN C 4 25.37 0.06 -5.67
C ASN C 4 25.18 -1.37 -5.17
N ILE C 5 24.31 -2.11 -5.82
CA ILE C 5 23.98 -3.48 -5.49
C ILE C 5 25.15 -4.46 -5.57
N THR C 6 26.09 -4.28 -6.47
CA THR C 6 27.21 -5.20 -6.58
C THR C 6 28.11 -5.12 -5.36
N ASP C 7 28.45 -3.92 -4.93
CA ASP C 7 29.27 -3.68 -3.76
C ASP C 7 28.52 -4.08 -2.48
N LEU C 8 27.22 -3.81 -2.39
CA LEU C 8 26.43 -4.24 -1.24
C LEU C 8 26.48 -5.74 -1.17
N CYS C 9 26.25 -6.46 -2.28
CA CYS C 9 26.24 -7.91 -2.31
C CYS C 9 27.57 -8.51 -1.82
N ALA C 10 28.68 -7.88 -2.17
CA ALA C 10 30.02 -8.33 -1.81
C ALA C 10 30.36 -8.13 -0.34
N GLU C 11 29.52 -7.47 0.43
CA GLU C 11 29.75 -7.29 1.86
C GLU C 11 29.40 -8.54 2.65
N TYR C 12 28.73 -9.54 2.03
CA TYR C 12 28.26 -10.73 2.65
C TYR C 12 28.93 -12.01 2.18
N HIS C 13 28.96 -13.02 3.06
CA HIS C 13 29.37 -14.34 2.64
C HIS C 13 28.22 -15.06 1.94
N ASN C 14 28.56 -15.97 1.04
CA ASN C 14 27.70 -16.87 0.32
C ASN C 14 26.61 -16.12 -0.47
N THR C 15 27.04 -15.10 -1.20
CA THR C 15 26.14 -14.32 -2.03
C THR C 15 26.74 -14.28 -3.44
N GLN C 16 25.84 -13.94 -4.36
CA GLN C 16 26.23 -13.73 -5.74
C GLN C 16 25.17 -12.82 -6.39
N ILE C 17 25.62 -12.15 -7.43
CA ILE C 17 24.78 -11.26 -8.23
C ILE C 17 24.32 -12.01 -9.47
N HIS C 18 23.04 -11.87 -9.80
CA HIS C 18 22.52 -12.38 -11.04
C HIS C 18 22.10 -11.13 -11.83
N THR C 19 22.45 -11.05 -13.09
CA THR C 19 22.05 -9.95 -13.94
C THR C 19 20.99 -10.50 -14.90
N LEU C 20 19.77 -10.09 -14.69
CA LEU C 20 18.61 -10.53 -15.45
C LEU C 20 18.20 -9.58 -16.57
N ASN C 21 18.12 -8.28 -16.30
CA ASN C 21 17.65 -7.32 -17.31
C ASN C 21 16.40 -7.87 -17.98
N ASP C 22 15.37 -8.17 -17.19
CA ASP C 22 14.15 -8.76 -17.72
C ASP C 22 13.03 -8.68 -16.65
N LYS C 23 11.82 -8.78 -17.12
CA LYS C 23 10.66 -8.76 -16.25
C LYS C 23 10.50 -10.11 -15.58
N ILE C 24 9.75 -10.11 -14.47
CA ILE C 24 9.50 -11.36 -13.76
C ILE C 24 8.52 -12.21 -14.59
N PHE C 25 8.74 -13.50 -14.70
CA PHE C 25 7.91 -14.40 -15.49
C PHE C 25 6.75 -14.97 -14.67
N SER C 26 6.98 -15.25 -13.40
CA SER C 26 5.91 -15.78 -12.56
C SER C 26 6.11 -15.34 -11.10
N TYR C 27 4.99 -15.23 -10.39
CA TYR C 27 4.99 -14.79 -9.00
C TYR C 27 4.11 -15.75 -8.22
N THR C 28 4.69 -16.30 -7.15
CA THR C 28 4.00 -17.25 -6.29
C THR C 28 4.07 -16.77 -4.85
N GLU C 29 2.95 -16.89 -4.15
CA GLU C 29 2.87 -16.44 -2.77
C GLU C 29 2.08 -17.45 -1.95
N SER C 30 2.62 -17.77 -0.79
CA SER C 30 2.00 -18.70 0.14
C SER C 30 1.82 -18.15 1.55
N LEU C 31 0.70 -18.42 2.20
CA LEU C 31 0.49 -18.05 3.60
C LEU C 31 0.47 -19.33 4.42
N ALA C 32 0.78 -20.48 3.80
CA ALA C 32 0.72 -21.73 4.50
C ALA C 32 1.73 -21.79 5.65
N GLY C 33 1.26 -22.37 6.74
CA GLY C 33 1.97 -22.46 8.00
C GLY C 33 3.42 -22.87 7.78
N LYS C 34 4.35 -22.02 8.16
CA LYS C 34 5.78 -22.14 8.08
C LYS C 34 6.34 -21.91 6.69
N ARG C 35 5.52 -21.44 5.77
CA ARG C 35 5.90 -21.16 4.41
C ARG C 35 5.37 -19.79 4.02
N GLU C 36 5.44 -18.81 4.91
CA GLU C 36 4.97 -17.46 4.54
C GLU C 36 6.06 -16.88 3.66
N MET C 37 5.97 -17.21 2.38
CA MET C 37 7.03 -16.90 1.45
C MET C 37 6.55 -16.56 0.05
N ALA C 38 7.54 -16.13 -0.74
CA ALA C 38 7.27 -15.72 -2.11
C ALA C 38 8.38 -16.26 -3.02
N ILE C 39 7.98 -16.72 -4.18
CA ILE C 39 8.85 -17.27 -5.19
C ILE C 39 8.57 -16.54 -6.49
N ILE C 40 9.63 -16.12 -7.16
CA ILE C 40 9.51 -15.54 -8.49
C ILE C 40 10.36 -16.39 -9.45
N THR C 41 10.06 -16.36 -10.75
CA THR C 41 10.85 -17.06 -11.74
C THR C 41 11.05 -16.10 -12.92
N PHE C 42 12.09 -16.33 -13.70
CA PHE C 42 12.41 -15.61 -14.91
C PHE C 42 12.27 -16.57 -16.08
N LYS C 43 12.05 -16.03 -17.28
CA LYS C 43 11.85 -16.94 -18.42
C LYS C 43 13.08 -17.79 -18.72
N ASN C 44 14.28 -17.40 -18.33
CA ASN C 44 15.48 -18.18 -18.53
C ASN C 44 15.57 -19.36 -17.57
N GLY C 45 14.59 -19.62 -16.72
CA GLY C 45 14.55 -20.71 -15.79
C GLY C 45 14.97 -20.38 -14.36
N ALA C 46 15.56 -19.23 -14.11
CA ALA C 46 16.03 -18.90 -12.76
C ALA C 46 14.82 -18.77 -11.82
N THR C 47 15.00 -19.28 -10.62
CA THR C 47 13.98 -19.29 -9.58
C THR C 47 14.60 -18.73 -8.32
N PHE C 48 13.90 -17.84 -7.65
CA PHE C 48 14.35 -17.20 -6.44
C PHE C 48 13.20 -17.11 -5.43
N GLN C 49 13.60 -16.98 -4.17
CA GLN C 49 12.65 -16.84 -3.09
C GLN C 49 12.93 -15.60 -2.26
N VAL C 50 11.92 -15.19 -1.51
CA VAL C 50 12.04 -14.22 -0.44
C VAL C 50 11.75 -15.12 0.80
N GLU C 51 12.79 -15.42 1.55
CA GLU C 51 12.65 -16.30 2.71
C GLU C 51 11.69 -15.87 3.80
N VAL C 52 11.04 -16.85 4.39
CA VAL C 52 10.15 -16.67 5.53
C VAL C 52 10.94 -15.87 6.57
N PRO C 53 10.33 -14.93 7.26
CA PRO C 53 11.02 -14.19 8.31
C PRO C 53 11.30 -15.17 9.45
N GLY C 54 12.44 -15.04 10.10
CA GLY C 54 12.84 -15.99 11.13
C GLY C 54 12.26 -15.79 12.51
N SER C 55 12.64 -16.70 13.39
CA SER C 55 12.25 -16.66 14.80
C SER C 55 12.69 -15.32 15.38
N GLN C 56 11.69 -14.48 15.62
CA GLN C 56 11.87 -13.13 16.11
C GLN C 56 13.08 -12.41 15.51
N ALA C 57 12.88 -12.05 14.25
CA ALA C 57 13.85 -11.24 13.50
C ALA C 57 13.63 -9.82 14.02
N ILE C 58 14.61 -8.95 13.95
CA ILE C 58 14.44 -7.56 14.39
C ILE C 58 13.48 -6.80 13.49
N ASP C 59 12.92 -5.71 14.00
CA ASP C 59 11.96 -4.85 13.33
C ASP C 59 12.39 -4.39 11.93
N SER C 60 13.62 -3.90 11.79
CA SER C 60 14.14 -3.48 10.50
C SER C 60 14.19 -4.63 9.50
N GLN C 61 14.55 -5.82 9.94
CA GLN C 61 14.61 -6.99 9.09
C GLN C 61 13.19 -7.40 8.67
N LYS C 62 12.25 -7.48 9.61
CA LYS C 62 10.91 -7.89 9.24
C LYS C 62 10.25 -6.88 8.29
N LYS C 63 10.45 -5.58 8.52
CA LYS C 63 9.91 -4.59 7.63
C LYS C 63 10.55 -4.68 6.24
N ALA C 64 11.87 -4.95 6.17
CA ALA C 64 12.46 -4.98 4.83
C ALA C 64 12.00 -6.23 4.06
N ILE C 65 11.84 -7.34 4.74
CA ILE C 65 11.41 -8.57 4.11
C ILE C 65 10.02 -8.36 3.52
N GLU C 66 9.10 -7.76 4.27
CA GLU C 66 7.77 -7.45 3.76
C GLU C 66 7.83 -6.43 2.62
N ARG C 67 8.75 -5.48 2.69
CA ARG C 67 8.91 -4.51 1.62
C ARG C 67 9.36 -5.16 0.31
N MET C 68 10.27 -6.13 0.42
CA MET C 68 10.77 -6.82 -0.76
C MET C 68 9.68 -7.63 -1.44
N LYS C 69 8.84 -8.30 -0.68
CA LYS C 69 7.68 -9.01 -1.25
C LYS C 69 6.73 -8.05 -1.95
N ASP C 70 6.50 -6.88 -1.38
CA ASP C 70 5.69 -5.81 -1.95
C ASP C 70 6.27 -5.42 -3.30
N THR C 71 7.60 -5.15 -3.30
CA THR C 71 8.31 -4.79 -4.49
C THR C 71 8.24 -5.82 -5.61
N LEU C 72 8.43 -7.10 -5.33
CA LEU C 72 8.35 -8.13 -6.36
C LEU C 72 6.96 -8.27 -6.93
N ARG C 73 5.92 -8.11 -6.11
CA ARG C 73 4.55 -8.25 -6.57
C ARG C 73 4.19 -7.14 -7.55
N ILE C 74 4.58 -5.91 -7.20
CA ILE C 74 4.30 -4.76 -8.03
C ILE C 74 5.18 -4.79 -9.29
N ALA C 75 6.39 -5.25 -9.19
CA ALA C 75 7.28 -5.37 -10.37
C ALA C 75 6.71 -6.38 -11.35
N TYR C 76 6.26 -7.51 -10.82
CA TYR C 76 5.66 -8.56 -11.65
C TYR C 76 4.40 -8.02 -12.35
N LEU C 77 3.51 -7.40 -11.60
CA LEU C 77 2.26 -6.95 -12.16
C LEU C 77 2.39 -5.82 -13.18
N THR C 78 3.45 -5.01 -13.11
CA THR C 78 3.63 -3.90 -14.02
C THR C 78 4.67 -4.20 -15.08
N GLU C 79 5.19 -5.43 -15.06
CA GLU C 79 6.22 -5.87 -15.99
C GLU C 79 7.46 -5.01 -15.92
N ALA C 80 7.82 -4.54 -14.73
CA ALA C 80 9.01 -3.71 -14.54
C ALA C 80 10.25 -4.56 -14.76
N LYS C 81 11.21 -4.01 -15.48
CA LYS C 81 12.47 -4.73 -15.75
C LYS C 81 13.29 -4.79 -14.46
N VAL C 82 13.78 -5.99 -14.13
CA VAL C 82 14.68 -6.20 -13.02
C VAL C 82 16.12 -6.18 -13.63
N GLU C 83 17.02 -5.42 -13.10
CA GLU C 83 18.38 -5.35 -13.58
C GLU C 83 19.19 -6.44 -12.90
N LYS C 84 19.44 -6.35 -11.59
CA LYS C 84 20.17 -7.37 -10.89
C LYS C 84 19.49 -7.80 -9.59
N LEU C 85 19.81 -9.00 -9.15
CA LEU C 85 19.43 -9.53 -7.86
C LEU C 85 20.73 -9.95 -7.15
N CYS C 86 20.84 -9.66 -5.89
CA CYS C 86 21.89 -10.15 -4.99
C CYS C 86 21.21 -11.26 -4.17
N VAL C 87 21.69 -12.49 -4.27
CA VAL C 87 21.05 -13.61 -3.60
C VAL C 87 22.01 -14.40 -2.75
N TRP C 88 21.47 -15.09 -1.75
CA TRP C 88 22.23 -16.02 -0.93
C TRP C 88 22.12 -17.40 -1.60
N ASN C 89 23.27 -18.00 -1.81
CA ASN C 89 23.37 -19.30 -2.43
C ASN C 89 23.44 -20.41 -1.40
N ASN C 90 23.21 -20.17 -0.11
CA ASN C 90 23.19 -21.26 0.85
C ASN C 90 21.75 -21.69 1.12
N LYS C 91 20.84 -21.29 0.23
CA LYS C 91 19.44 -21.64 0.27
C LYS C 91 18.99 -22.15 -1.10
N THR C 92 17.91 -22.90 -1.16
CA THR C 92 17.33 -23.34 -2.44
C THR C 92 15.83 -23.22 -2.39
N PRO C 93 15.21 -22.49 -3.32
CA PRO C 93 15.94 -21.72 -4.30
C PRO C 93 16.78 -20.60 -3.66
N HIS C 94 17.65 -19.97 -4.41
CA HIS C 94 18.46 -18.88 -3.83
C HIS C 94 17.58 -17.75 -3.31
N ALA C 95 17.96 -17.18 -2.19
CA ALA C 95 17.15 -16.23 -1.44
C ALA C 95 17.56 -14.79 -1.71
N ILE C 96 16.59 -13.96 -2.00
CA ILE C 96 16.87 -12.57 -2.40
C ILE C 96 17.32 -11.74 -1.23
N ALA C 97 18.40 -11.01 -1.36
CA ALA C 97 18.93 -10.07 -0.40
C ALA C 97 18.74 -8.64 -0.88
N ALA C 98 18.87 -8.40 -2.18
CA ALA C 98 18.67 -7.04 -2.71
C ALA C 98 18.25 -7.09 -4.17
N ILE C 99 17.58 -6.07 -4.66
CA ILE C 99 17.18 -6.04 -6.07
C ILE C 99 17.51 -4.64 -6.63
N SER C 100 17.93 -4.51 -7.88
CA SER C 100 18.15 -3.23 -8.50
C SER C 100 17.26 -3.25 -9.78
N MET C 101 16.69 -2.12 -10.09
CA MET C 101 15.83 -1.93 -11.24
C MET C 101 16.24 -0.65 -11.98
N ALA C 102 16.39 -0.82 -13.30
CA ALA C 102 16.74 0.29 -14.16
C ALA C 102 16.04 0.09 -15.51
N ASN C 103 15.98 1.10 -16.31
CA ASN C 103 15.45 1.10 -17.67
C ASN C 103 13.96 1.42 -17.67
N THR D 1 6.51 27.05 10.54
CA THR D 1 6.41 25.83 9.69
C THR D 1 6.82 26.20 8.28
N PRO D 2 7.73 25.43 7.70
CA PRO D 2 8.14 25.69 6.32
C PRO D 2 6.99 25.44 5.35
N GLN D 3 6.92 26.22 4.29
CA GLN D 3 5.90 26.09 3.29
C GLN D 3 6.41 25.46 2.01
N ASN D 4 7.70 25.10 1.92
CA ASN D 4 8.26 24.50 0.73
C ASN D 4 9.52 23.72 1.10
N ILE D 5 10.03 22.85 0.23
CA ILE D 5 11.20 22.02 0.57
C ILE D 5 12.48 22.82 0.82
N THR D 6 12.65 23.92 0.09
CA THR D 6 13.83 24.76 0.20
C THR D 6 13.96 25.34 1.60
N ASP D 7 12.91 25.92 2.14
CA ASP D 7 12.89 26.50 3.47
C ASP D 7 13.03 25.43 4.52
N LEU D 8 12.39 24.27 4.29
CA LEU D 8 12.46 23.17 5.26
C LEU D 8 13.91 22.69 5.40
N CYS D 9 14.54 22.51 4.26
CA CYS D 9 15.91 22.04 4.15
C CYS D 9 16.87 23.01 4.86
N ALA D 10 16.63 24.32 4.74
CA ALA D 10 17.50 25.30 5.39
C ALA D 10 17.42 25.26 6.91
N GLU D 11 16.46 24.59 7.54
CA GLU D 11 16.35 24.51 8.98
C GLU D 11 17.39 23.59 9.62
N TYR D 12 18.12 22.82 8.82
CA TYR D 12 19.10 21.87 9.25
C TYR D 12 20.49 22.19 8.74
N HIS D 13 21.50 21.90 9.56
CA HIS D 13 22.87 22.00 9.10
C HIS D 13 23.16 20.74 8.25
N ASN D 14 24.21 20.86 7.47
CA ASN D 14 24.72 19.82 6.62
C ASN D 14 23.63 19.26 5.70
N THR D 15 22.94 20.17 5.02
CA THR D 15 21.95 19.81 4.03
C THR D 15 22.14 20.67 2.77
N GLN D 16 21.61 20.16 1.67
CA GLN D 16 21.60 20.92 0.43
C GLN D 16 20.43 20.39 -0.41
N ILE D 17 19.96 21.28 -1.27
CA ILE D 17 18.96 21.01 -2.26
C ILE D 17 19.60 20.69 -3.59
N HIS D 18 19.20 19.60 -4.21
CA HIS D 18 19.47 19.22 -5.55
C HIS D 18 18.17 19.51 -6.34
N THR D 19 18.30 20.28 -7.39
CA THR D 19 17.14 20.55 -8.28
C THR D 19 17.33 19.65 -9.48
N LEU D 20 16.53 18.57 -9.51
CA LEU D 20 16.76 17.58 -10.54
C LEU D 20 15.82 17.71 -11.73
N ASN D 21 14.55 17.95 -11.45
CA ASN D 21 13.54 17.98 -12.52
C ASN D 21 13.74 16.82 -13.48
N ASP D 22 13.74 15.61 -12.98
CA ASP D 22 13.98 14.43 -13.83
C ASP D 22 13.47 13.20 -13.11
N LYS D 23 13.12 12.17 -13.86
CA LYS D 23 12.71 10.90 -13.32
C LYS D 23 13.92 10.14 -12.78
N ILE D 24 13.69 9.17 -11.90
CA ILE D 24 14.72 8.33 -11.34
C ILE D 24 15.25 7.36 -12.39
N PHE D 25 16.57 7.29 -12.50
CA PHE D 25 17.20 6.35 -13.43
C PHE D 25 17.20 4.90 -12.92
N SER D 26 17.51 4.66 -11.67
CA SER D 26 17.55 3.33 -11.09
C SER D 26 17.14 3.35 -9.62
N TYR D 27 16.60 2.21 -9.19
CA TYR D 27 16.07 2.00 -7.87
C TYR D 27 16.62 0.65 -7.38
N THR D 28 17.28 0.73 -6.23
CA THR D 28 17.88 -0.38 -5.55
C THR D 28 17.35 -0.50 -4.13
N GLU D 29 16.98 -1.74 -3.77
CA GLU D 29 16.47 -2.06 -2.46
C GLU D 29 17.12 -3.30 -1.85
N SER D 30 17.38 -3.27 -0.55
CA SER D 30 18.07 -4.33 0.15
C SER D 30 17.39 -4.73 1.45
N LEU D 31 17.31 -6.02 1.75
CA LEU D 31 16.78 -6.46 3.04
C LEU D 31 17.95 -7.00 3.88
N ALA D 32 19.18 -6.93 3.38
CA ALA D 32 20.32 -7.55 4.03
C ALA D 32 20.60 -6.90 5.37
N GLY D 33 21.13 -7.69 6.29
CA GLY D 33 21.47 -7.28 7.65
C GLY D 33 22.44 -6.13 7.68
N LYS D 34 22.12 -5.08 8.41
CA LYS D 34 22.84 -3.83 8.56
C LYS D 34 22.70 -2.95 7.32
N ARG D 35 21.88 -3.36 6.34
CA ARG D 35 21.74 -2.66 5.08
C ARG D 35 20.28 -2.57 4.60
N GLU D 36 19.34 -2.42 5.49
CA GLU D 36 17.92 -2.24 5.16
C GLU D 36 17.76 -0.79 4.66
N MET D 37 17.94 -0.63 3.36
CA MET D 37 18.02 0.69 2.76
C MET D 37 17.58 0.66 1.31
N ALA D 38 17.45 1.85 0.75
CA ALA D 38 17.14 2.05 -0.66
C ALA D 38 18.16 3.07 -1.20
N ILE D 39 18.51 2.89 -2.47
CA ILE D 39 19.43 3.74 -3.19
C ILE D 39 18.77 4.15 -4.52
N ILE D 40 18.71 5.43 -4.82
CA ILE D 40 18.22 5.86 -6.13
C ILE D 40 19.35 6.57 -6.89
N THR D 41 19.34 6.58 -8.21
CA THR D 41 20.34 7.29 -9.00
C THR D 41 19.66 8.05 -10.13
N PHE D 42 20.32 9.06 -10.69
CA PHE D 42 19.83 9.86 -11.79
C PHE D 42 20.83 9.75 -12.94
N LYS D 43 20.39 10.11 -14.13
CA LYS D 43 21.25 10.02 -15.32
C LYS D 43 22.40 11.04 -15.35
N ASN D 44 22.39 12.01 -14.42
CA ASN D 44 23.53 12.94 -14.32
C ASN D 44 24.59 12.40 -13.36
N GLY D 45 24.45 11.17 -12.88
CA GLY D 45 25.36 10.51 -11.95
C GLY D 45 25.11 10.73 -10.47
N ALA D 46 24.10 11.50 -10.07
CA ALA D 46 23.77 11.70 -8.68
C ALA D 46 23.21 10.37 -8.10
N THR D 47 23.63 10.08 -6.89
CA THR D 47 23.30 8.88 -6.17
C THR D 47 22.85 9.25 -4.76
N PHE D 48 21.69 8.71 -4.33
CA PHE D 48 21.18 9.05 -3.02
C PHE D 48 20.69 7.80 -2.30
N GLN D 49 20.73 7.89 -0.97
CA GLN D 49 20.22 6.80 -0.17
C GLN D 49 19.10 7.28 0.75
N VAL D 50 18.34 6.32 1.26
CA VAL D 50 17.42 6.42 2.34
C VAL D 50 18.16 5.57 3.42
N GLU D 51 18.68 6.24 4.44
CA GLU D 51 19.49 5.63 5.46
C GLU D 51 18.86 4.43 6.16
N VAL D 52 19.65 3.49 6.60
CA VAL D 52 19.19 2.34 7.39
C VAL D 52 18.65 2.92 8.69
N PRO D 53 17.48 2.54 9.14
CA PRO D 53 16.90 3.08 10.36
C PRO D 53 17.80 2.82 11.56
N GLY D 54 17.85 3.77 12.47
CA GLY D 54 18.62 3.65 13.71
C GLY D 54 17.94 2.67 14.65
N SER D 55 18.75 2.03 15.52
CA SER D 55 18.19 1.04 16.44
C SER D 55 17.24 1.66 17.46
N GLN D 56 17.43 2.91 17.83
CA GLN D 56 16.59 3.59 18.79
C GLN D 56 15.66 4.64 18.19
N ALA D 57 15.50 4.66 16.87
CA ALA D 57 14.65 5.62 16.21
C ALA D 57 13.21 5.63 16.76
N ILE D 58 12.73 6.83 16.99
CA ILE D 58 11.36 7.03 17.49
C ILE D 58 10.39 6.62 16.41
N ASP D 59 9.14 6.41 16.83
CA ASP D 59 8.05 5.98 15.98
C ASP D 59 7.82 6.90 14.80
N SER D 60 7.66 8.19 14.99
CA SER D 60 7.41 9.12 13.90
C SER D 60 8.54 9.08 12.85
N GLN D 61 9.79 8.99 13.29
CA GLN D 61 10.97 8.90 12.43
C GLN D 61 11.00 7.61 11.64
N LYS D 62 10.71 6.48 12.27
CA LYS D 62 10.68 5.19 11.58
C LYS D 62 9.60 5.19 10.48
N LYS D 63 8.40 5.68 10.82
CA LYS D 63 7.35 5.71 9.81
C LYS D 63 7.69 6.61 8.64
N ALA D 64 8.34 7.74 8.90
CA ALA D 64 8.66 8.64 7.76
C ALA D 64 9.70 8.01 6.85
N ILE D 65 10.62 7.24 7.43
CA ILE D 65 11.64 6.53 6.67
C ILE D 65 10.97 5.51 5.78
N GLU D 66 10.00 4.80 6.32
CA GLU D 66 9.31 3.77 5.55
C GLU D 66 8.52 4.41 4.42
N ARG D 67 7.85 5.51 4.72
CA ARG D 67 7.07 6.24 3.75
C ARG D 67 7.96 6.72 2.59
N MET D 68 9.13 7.28 2.92
CA MET D 68 10.01 7.79 1.87
C MET D 68 10.38 6.69 0.89
N LYS D 69 10.74 5.50 1.40
CA LYS D 69 11.04 4.38 0.53
C LYS D 69 9.84 4.02 -0.32
N ASP D 70 8.61 4.03 0.23
CA ASP D 70 7.43 3.76 -0.58
C ASP D 70 7.31 4.79 -1.72
N THR D 71 7.53 6.07 -1.41
CA THR D 71 7.45 7.16 -2.38
C THR D 71 8.47 7.02 -3.50
N LEU D 72 9.72 6.72 -3.14
CA LEU D 72 10.77 6.53 -4.14
C LEU D 72 10.47 5.39 -5.09
N ARG D 73 9.97 4.27 -4.60
CA ARG D 73 9.65 3.14 -5.45
C ARG D 73 8.55 3.48 -6.45
N ILE D 74 7.47 4.09 -5.92
CA ILE D 74 6.36 4.44 -6.82
C ILE D 74 6.77 5.55 -7.76
N ALA D 75 7.59 6.48 -7.33
CA ALA D 75 8.04 7.52 -8.25
C ALA D 75 8.85 6.86 -9.37
N TYR D 76 9.69 5.90 -8.96
CA TYR D 76 10.54 5.22 -9.93
C TYR D 76 9.68 4.48 -10.94
N LEU D 77 8.78 3.65 -10.45
CA LEU D 77 7.99 2.82 -11.37
C LEU D 77 7.08 3.62 -12.28
N THR D 78 6.61 4.78 -11.90
CA THR D 78 5.72 5.58 -12.71
C THR D 78 6.44 6.68 -13.50
N GLU D 79 7.77 6.76 -13.42
CA GLU D 79 8.54 7.78 -14.11
C GLU D 79 8.14 9.17 -13.64
N ALA D 80 7.79 9.32 -12.37
CA ALA D 80 7.38 10.63 -11.86
C ALA D 80 8.60 11.53 -11.79
N LYS D 81 8.47 12.73 -12.28
CA LYS D 81 9.52 13.72 -12.22
C LYS D 81 9.75 14.16 -10.79
N VAL D 82 10.98 14.02 -10.34
CA VAL D 82 11.41 14.50 -9.04
C VAL D 82 11.83 15.95 -9.25
N GLU D 83 11.26 16.89 -8.52
CA GLU D 83 11.60 18.30 -8.66
C GLU D 83 12.89 18.60 -7.89
N LYS D 84 12.81 18.52 -6.57
CA LYS D 84 13.99 18.71 -5.72
C LYS D 84 14.13 17.61 -4.69
N LEU D 85 15.34 17.42 -4.19
CA LEU D 85 15.65 16.56 -3.09
C LEU D 85 16.36 17.42 -2.02
N CYS D 86 15.97 17.28 -0.77
CA CYS D 86 16.72 17.85 0.34
C CYS D 86 17.55 16.69 0.91
N VAL D 87 18.87 16.80 0.92
CA VAL D 87 19.75 15.75 1.41
C VAL D 87 20.74 16.18 2.49
N TRP D 88 21.07 15.23 3.36
CA TRP D 88 22.12 15.40 4.35
C TRP D 88 23.43 15.16 3.59
N ASN D 89 24.33 16.13 3.60
CA ASN D 89 25.55 15.99 2.83
C ASN D 89 26.73 15.55 3.69
N ASN D 90 26.51 15.10 4.90
CA ASN D 90 27.52 14.55 5.77
C ASN D 90 27.38 13.00 5.83
N LYS D 91 26.76 12.44 4.81
CA LYS D 91 26.58 11.02 4.60
C LYS D 91 27.06 10.73 3.18
N THR D 92 27.50 9.52 2.91
CA THR D 92 27.90 9.11 1.56
C THR D 92 27.33 7.73 1.31
N PRO D 93 26.43 7.55 0.35
CA PRO D 93 25.98 8.63 -0.51
C PRO D 93 25.12 9.63 0.24
N HIS D 94 24.86 10.79 -0.34
CA HIS D 94 24.01 11.77 0.33
C HIS D 94 22.65 11.11 0.66
N ALA D 95 22.14 11.45 1.83
CA ALA D 95 20.93 10.84 2.36
C ALA D 95 19.73 11.78 2.29
N ILE D 96 18.66 11.22 1.72
CA ILE D 96 17.42 11.93 1.55
C ILE D 96 16.70 12.25 2.85
N ALA D 97 16.42 13.53 3.02
CA ALA D 97 15.61 14.09 4.09
C ALA D 97 14.21 14.46 3.60
N ALA D 98 14.10 14.99 2.38
CA ALA D 98 12.83 15.44 1.80
C ALA D 98 12.86 15.34 0.29
N ILE D 99 11.69 15.21 -0.29
CA ILE D 99 11.50 15.16 -1.73
C ILE D 99 10.31 16.03 -2.10
N SER D 100 10.44 16.64 -3.27
CA SER D 100 9.38 17.40 -3.89
C SER D 100 9.21 16.84 -5.32
N MET D 101 7.96 16.69 -5.70
CA MET D 101 7.59 16.24 -7.02
C MET D 101 6.59 17.25 -7.60
N ALA D 102 6.94 17.65 -8.81
CA ALA D 102 6.13 18.59 -9.58
C ALA D 102 6.46 18.23 -11.05
N ASN D 103 5.49 18.57 -11.83
CA ASN D 103 5.37 18.43 -13.26
C ASN D 103 6.21 19.40 -14.06
N THR E 1 -24.79 12.42 11.38
CA THR E 1 -23.51 12.06 10.70
C THR E 1 -23.45 12.83 9.39
N PRO E 2 -22.41 13.65 9.23
CA PRO E 2 -22.26 14.42 8.01
C PRO E 2 -22.34 13.52 6.77
N GLN E 3 -22.95 14.03 5.72
CA GLN E 3 -23.04 13.31 4.45
C GLN E 3 -22.14 13.82 3.35
N ASN E 4 -21.37 14.85 3.65
CA ASN E 4 -20.46 15.45 2.70
C ASN E 4 -19.37 16.21 3.45
N ILE E 5 -18.36 16.65 2.71
CA ILE E 5 -17.23 17.33 3.34
C ILE E 5 -17.56 18.67 3.97
N THR E 6 -18.44 19.41 3.33
CA THR E 6 -18.85 20.72 3.84
C THR E 6 -19.53 20.61 5.18
N ASP E 7 -20.48 19.68 5.28
CA ASP E 7 -21.17 19.45 6.55
C ASP E 7 -20.24 18.91 7.61
N LEU E 8 -19.28 18.06 7.21
CA LEU E 8 -18.34 17.50 8.15
C LEU E 8 -17.44 18.62 8.69
N CYS E 9 -17.00 19.48 7.80
CA CYS E 9 -16.11 20.61 8.17
C CYS E 9 -16.73 21.52 9.23
N ALA E 10 -18.05 21.74 9.11
CA ALA E 10 -18.81 22.58 10.01
C ALA E 10 -18.96 22.05 11.44
N GLU E 11 -18.64 20.81 11.74
CA GLU E 11 -18.66 20.25 13.06
C GLU E 11 -17.45 20.67 13.90
N TYR E 12 -16.43 21.30 13.30
CA TYR E 12 -15.23 21.65 14.04
C TYR E 12 -15.04 23.17 14.05
N HIS E 13 -14.36 23.63 15.06
CA HIS E 13 -13.99 25.04 15.12
C HIS E 13 -12.73 25.24 14.30
N ASN E 14 -12.49 26.47 13.87
CA ASN E 14 -11.31 26.91 13.18
C ASN E 14 -11.06 26.20 11.86
N THR E 15 -12.12 25.95 11.11
CA THR E 15 -12.02 25.32 9.82
C THR E 15 -12.71 26.13 8.72
N GLN E 16 -12.36 25.83 7.49
CA GLN E 16 -12.89 26.38 6.29
C GLN E 16 -12.67 25.42 5.11
N ILE E 17 -13.63 25.53 4.17
CA ILE E 17 -13.59 24.76 2.94
C ILE E 17 -12.94 25.57 1.84
N HIS E 18 -12.01 24.95 1.12
CA HIS E 18 -11.41 25.50 -0.08
C HIS E 18 -11.97 24.66 -1.22
N THR E 19 -12.44 25.25 -2.31
CA THR E 19 -12.94 24.55 -3.46
C THR E 19 -11.90 24.68 -4.54
N LEU E 20 -11.13 23.60 -4.80
CA LEU E 20 -10.13 23.70 -5.83
C LEU E 20 -10.57 23.26 -7.20
N ASN E 21 -11.25 22.12 -7.24
CA ASN E 21 -11.59 21.50 -8.52
C ASN E 21 -10.39 21.47 -9.44
N ASP E 22 -9.28 20.93 -8.92
CA ASP E 22 -8.07 20.84 -9.74
C ASP E 22 -7.16 19.73 -9.18
N LYS E 23 -6.27 19.27 -10.04
CA LYS E 23 -5.25 18.31 -9.64
C LYS E 23 -4.20 19.03 -8.79
N ILE E 24 -3.49 18.28 -7.98
CA ILE E 24 -2.43 18.80 -7.14
C ILE E 24 -1.26 19.19 -8.05
N PHE E 25 -0.71 20.38 -7.86
CA PHE E 25 0.41 20.83 -8.67
C PHE E 25 1.74 20.26 -8.19
N SER E 26 1.97 20.21 -6.87
CA SER E 26 3.19 19.67 -6.31
C SER E 26 2.93 18.88 -5.03
N TYR E 27 3.73 17.85 -4.79
CA TYR E 27 3.66 17.03 -3.59
C TYR E 27 5.03 17.05 -2.90
N THR E 28 5.12 17.41 -1.64
CA THR E 28 6.38 17.45 -0.93
C THR E 28 6.29 16.61 0.33
N GLU E 29 7.32 15.83 0.58
CA GLU E 29 7.26 15.05 1.85
C GLU E 29 8.64 15.02 2.48
N SER E 30 8.66 15.07 3.80
CA SER E 30 9.83 15.13 4.63
C SER E 30 9.89 14.10 5.73
N LEU E 31 11.10 13.58 6.01
CA LEU E 31 11.30 12.65 7.09
C LEU E 31 12.23 13.29 8.13
N ALA E 32 12.55 14.55 7.90
CA ALA E 32 13.49 15.26 8.77
C ALA E 32 12.96 15.43 10.18
N GLY E 33 13.85 15.43 11.17
CA GLY E 33 13.46 15.57 12.58
C GLY E 33 12.56 16.75 12.84
N LYS E 34 11.43 16.50 13.50
CA LYS E 34 10.41 17.47 13.86
C LYS E 34 9.60 17.95 12.67
N ARG E 35 9.86 17.48 11.45
CA ARG E 35 9.16 17.94 10.27
C ARG E 35 8.71 16.75 9.42
N GLU E 36 8.09 15.76 10.06
CA GLU E 36 7.61 14.57 9.37
C GLU E 36 6.20 14.91 8.86
N MET E 37 6.17 15.62 7.75
CA MET E 37 5.00 16.27 7.21
C MET E 37 4.95 16.18 5.68
N ALA E 38 3.76 16.55 5.21
CA ALA E 38 3.53 16.54 3.77
C ALA E 38 2.98 17.94 3.43
N ILE E 39 3.37 18.44 2.28
CA ILE E 39 2.93 19.75 1.79
C ILE E 39 2.42 19.56 0.37
N ILE E 40 1.24 20.10 0.06
CA ILE E 40 0.76 20.06 -1.31
C ILE E 40 0.42 21.50 -1.75
N THR E 41 0.60 21.77 -3.02
CA THR E 41 0.30 23.07 -3.59
C THR E 41 -0.54 22.87 -4.86
N PHE E 42 -1.27 23.91 -5.20
CA PHE E 42 -2.08 23.96 -6.43
C PHE E 42 -1.57 25.09 -7.32
N LYS E 43 -1.89 25.00 -8.61
CA LYS E 43 -1.52 25.99 -9.60
C LYS E 43 -1.94 27.42 -9.25
N ASN E 44 -3.04 27.61 -8.53
CA ASN E 44 -3.47 28.93 -8.13
C ASN E 44 -2.67 29.51 -6.97
N GLY E 45 -1.63 28.85 -6.49
CA GLY E 45 -0.78 29.26 -5.41
C GLY E 45 -1.16 28.84 -4.05
N ALA E 46 -2.30 28.16 -3.84
CA ALA E 46 -2.66 27.73 -2.49
C ALA E 46 -1.69 26.63 -2.02
N THR E 47 -1.37 26.70 -0.74
CA THR E 47 -0.47 25.75 -0.09
C THR E 47 -1.07 25.20 1.18
N PHE E 48 -1.06 23.86 1.30
CA PHE E 48 -1.58 23.17 2.46
C PHE E 48 -0.64 22.10 3.02
N GLN E 49 -0.77 21.85 4.32
CA GLN E 49 0.05 20.81 4.90
C GLN E 49 -0.82 19.70 5.50
N VAL E 50 -0.13 18.60 5.71
CA VAL E 50 -0.57 17.52 6.56
C VAL E 50 0.36 17.69 7.78
N GLU E 51 -0.22 18.17 8.85
CA GLU E 51 0.48 18.51 10.07
C GLU E 51 1.23 17.37 10.75
N VAL E 52 2.36 17.66 11.38
CA VAL E 52 3.07 16.67 12.19
C VAL E 52 2.14 16.34 13.34
N PRO E 53 1.92 15.08 13.70
CA PRO E 53 1.06 14.72 14.81
C PRO E 53 1.61 15.15 16.17
N GLY E 54 0.72 15.46 17.11
CA GLY E 54 1.11 15.82 18.47
C GLY E 54 1.54 14.61 19.29
N SER E 55 2.23 14.87 20.39
CA SER E 55 2.72 13.83 21.30
C SER E 55 1.59 13.00 21.91
N GLN E 56 0.48 13.67 22.20
CA GLN E 56 -0.70 13.05 22.77
C GLN E 56 -1.63 12.35 21.78
N ALA E 57 -1.50 12.64 20.49
CA ALA E 57 -2.37 12.04 19.48
C ALA E 57 -2.64 10.57 19.72
N ILE E 58 -3.90 10.15 19.71
CA ILE E 58 -4.24 8.74 19.87
C ILE E 58 -4.07 7.99 18.53
N ASP E 59 -4.05 6.69 18.57
CA ASP E 59 -3.88 5.78 17.46
C ASP E 59 -4.77 6.01 16.26
N SER E 60 -6.09 6.10 16.42
CA SER E 60 -6.98 6.35 15.31
C SER E 60 -6.65 7.65 14.58
N GLN E 61 -6.23 8.70 15.29
CA GLN E 61 -5.95 9.96 14.62
C GLN E 61 -4.62 9.79 13.88
N LYS E 62 -3.66 9.12 14.50
CA LYS E 62 -2.37 8.89 13.84
C LYS E 62 -2.54 8.08 12.56
N LYS E 63 -3.33 7.00 12.61
CA LYS E 63 -3.66 6.19 11.47
C LYS E 63 -4.27 7.05 10.37
N ALA E 64 -5.24 7.89 10.70
CA ALA E 64 -5.83 8.78 9.70
C ALA E 64 -4.86 9.78 9.12
N ILE E 65 -3.86 10.23 9.90
CA ILE E 65 -2.89 11.17 9.37
C ILE E 65 -2.04 10.46 8.32
N GLU E 66 -1.59 9.26 8.65
CA GLU E 66 -0.81 8.45 7.73
C GLU E 66 -1.63 8.14 6.48
N ARG E 67 -2.92 7.84 6.65
CA ARG E 67 -3.77 7.60 5.48
C ARG E 67 -3.82 8.81 4.57
N MET E 68 -4.06 10.01 5.12
CA MET E 68 -4.17 11.23 4.32
C MET E 68 -2.91 11.46 3.49
N LYS E 69 -1.73 11.27 4.08
CA LYS E 69 -0.51 11.41 3.27
C LYS E 69 -0.51 10.35 2.18
N ASP E 70 -0.97 9.12 2.46
CA ASP E 70 -1.09 8.12 1.37
C ASP E 70 -1.95 8.66 0.23
N THR E 71 -3.10 9.20 0.57
CA THR E 71 -4.09 9.74 -0.34
C THR E 71 -3.55 10.86 -1.21
N LEU E 72 -2.88 11.83 -0.60
CA LEU E 72 -2.32 12.95 -1.35
C LEU E 72 -1.24 12.48 -2.33
N ARG E 73 -0.41 11.52 -1.90
CA ARG E 73 0.61 11.07 -2.82
C ARG E 73 0.01 10.46 -4.07
N ILE E 74 -0.93 9.53 -3.89
CA ILE E 74 -1.53 8.85 -5.04
C ILE E 74 -2.43 9.77 -5.83
N ALA E 75 -3.11 10.72 -5.17
CA ALA E 75 -3.89 11.72 -5.90
C ALA E 75 -2.96 12.52 -6.82
N TYR E 76 -1.82 12.92 -6.23
CA TYR E 76 -0.84 13.68 -7.00
C TYR E 76 -0.39 12.87 -8.21
N LEU E 77 0.08 11.65 -7.96
CA LEU E 77 0.63 10.80 -9.01
C LEU E 77 -0.38 10.46 -10.08
N THR E 78 -1.65 10.28 -9.76
CA THR E 78 -2.64 9.93 -10.78
C THR E 78 -3.32 11.15 -11.39
N GLU E 79 -2.95 12.36 -10.99
CA GLU E 79 -3.52 13.60 -11.45
C GLU E 79 -5.03 13.65 -11.23
N ALA E 80 -5.46 13.14 -10.09
CA ALA E 80 -6.83 13.07 -9.68
C ALA E 80 -7.29 14.48 -9.27
N LYS E 81 -8.48 14.86 -9.75
CA LYS E 81 -8.95 16.18 -9.42
C LYS E 81 -9.40 16.26 -7.96
N VAL E 82 -8.91 17.26 -7.26
CA VAL E 82 -9.33 17.46 -5.87
C VAL E 82 -10.52 18.44 -5.94
N GLU E 83 -11.66 18.06 -5.41
CA GLU E 83 -12.83 18.92 -5.40
C GLU E 83 -12.66 19.96 -4.29
N LYS E 84 -12.75 19.52 -3.04
CA LYS E 84 -12.64 20.39 -1.90
C LYS E 84 -11.68 19.91 -0.84
N LEU E 85 -11.20 20.84 -0.02
CA LEU E 85 -10.38 20.53 1.15
C LEU E 85 -10.98 21.21 2.37
N CYS E 86 -11.11 20.50 3.48
CA CYS E 86 -11.52 21.09 4.75
C CYS E 86 -10.21 21.28 5.51
N VAL E 87 -9.90 22.50 5.94
CA VAL E 87 -8.62 22.75 6.60
C VAL E 87 -8.76 23.52 7.90
N TRP E 88 -7.76 23.46 8.75
CA TRP E 88 -7.72 24.25 9.96
C TRP E 88 -6.98 25.53 9.58
N ASN E 89 -7.66 26.66 9.85
CA ASN E 89 -7.05 27.92 9.43
C ASN E 89 -6.32 28.59 10.59
N ASN E 90 -6.18 27.91 11.69
CA ASN E 90 -5.42 28.43 12.83
C ASN E 90 -3.97 27.91 12.74
N LYS E 91 -3.56 27.41 11.57
CA LYS E 91 -2.19 26.96 11.35
C LYS E 91 -1.73 27.60 10.06
N THR E 92 -0.43 27.59 9.79
CA THR E 92 0.17 28.14 8.59
C THR E 92 1.35 27.26 8.17
N PRO E 93 1.28 26.66 7.00
CA PRO E 93 0.14 26.78 6.10
C PRO E 93 -1.13 26.14 6.66
N HIS E 94 -2.29 26.35 6.07
CA HIS E 94 -3.52 25.71 6.59
C HIS E 94 -3.36 24.19 6.57
N ALA E 95 -3.81 23.51 7.62
CA ALA E 95 -3.63 22.07 7.77
C ALA E 95 -4.86 21.28 7.31
N ILE E 96 -4.67 20.22 6.54
CA ILE E 96 -5.77 19.40 6.05
C ILE E 96 -6.44 18.56 7.12
N ALA E 97 -7.78 18.64 7.18
CA ALA E 97 -8.67 17.88 8.00
C ALA E 97 -9.43 16.82 7.16
N ALA E 98 -9.77 17.19 5.93
CA ALA E 98 -10.52 16.29 5.05
C ALA E 98 -10.34 16.68 3.59
N ILE E 99 -10.56 15.71 2.71
CA ILE E 99 -10.43 15.96 1.29
C ILE E 99 -11.60 15.29 0.55
N SER E 100 -11.99 15.93 -0.53
CA SER E 100 -12.97 15.27 -1.42
C SER E 100 -12.38 15.29 -2.82
N MET E 101 -12.54 14.21 -3.55
CA MET E 101 -12.14 14.07 -4.93
C MET E 101 -13.34 13.76 -5.80
N ALA E 102 -13.48 14.52 -6.90
CA ALA E 102 -14.54 14.29 -7.86
C ALA E 102 -14.12 14.95 -9.18
N ASN E 103 -14.63 14.46 -10.28
CA ASN E 103 -14.30 15.07 -11.57
C ASN E 103 -15.03 16.38 -11.86
C1 GAL F . -24.12 -2.95 14.00
C2 GAL F . -24.85 -1.66 13.71
C3 GAL F . -24.60 -1.27 12.25
C4 GAL F . -23.06 -1.14 12.07
C5 GAL F . -22.37 -2.41 12.53
C6 GAL F . -20.84 -2.29 12.55
O1 GAL F . -24.33 -3.28 15.35
O2 GAL F . -26.27 -1.84 13.86
O3 GAL F . -25.19 -0.01 12.06
O4 GAL F . -22.64 -0.06 12.89
O5 GAL F . -22.68 -2.74 13.90
O6 GAL F . -20.22 -3.51 12.96
C1 GAL G . 22.21 -15.75 7.02
C2 GAL G . 22.00 -16.88 6.03
C3 GAL G . 21.44 -16.35 4.73
C4 GAL G . 20.17 -15.51 4.97
C5 GAL G . 20.48 -14.49 6.06
C6 GAL G . 19.21 -13.74 6.48
O1 GAL G . 22.68 -16.24 8.26
O2 GAL G . 23.25 -17.49 5.68
O3 GAL G . 21.02 -17.46 3.93
O4 GAL G . 19.09 -16.30 5.34
O5 GAL G . 20.92 -15.14 7.28
O6 GAL G . 19.53 -12.53 7.17
C1 GAL H . 21.57 13.82 11.82
C2 GAL H . 22.70 13.57 10.83
C3 GAL H . 22.16 13.61 9.43
C4 GAL H . 21.04 12.54 9.28
C5 GAL H . 19.99 12.93 10.31
C6 GAL H . 18.75 12.03 10.40
O1 GAL H . 22.09 13.57 13.12
O2 GAL H . 23.73 14.54 11.05
O3 GAL H . 23.21 13.38 8.53
O4 GAL H . 21.47 11.24 9.56
O5 GAL H . 20.57 12.79 11.63
O6 GAL H . 17.88 12.54 11.43
C1 GAL I . -6.99 21.18 16.64
C2 GAL I . -6.13 22.33 16.16
C3 GAL I . -5.95 22.25 14.65
C4 GAL I . -5.36 20.87 14.27
C5 GAL I . -6.31 19.82 14.85
C6 GAL I . -5.87 18.39 14.56
O1 GAL I . -6.91 21.19 18.05
O2 GAL I . -6.75 23.59 16.45
O3 GAL I . -5.00 23.23 14.28
O4 GAL I . -4.07 20.73 14.77
O5 GAL I . -6.34 19.90 16.30
O6 GAL I . -6.72 17.41 15.15
#